data_4DKQ
#
_entry.id   4DKQ
#
_cell.length_a   63.741
_cell.length_b   67.523
_cell.length_c   89.255
_cell.angle_alpha   90.00
_cell.angle_beta   90.00
_cell.angle_gamma   90.00
#
_symmetry.space_group_name_H-M   'P 21 21 21'
#
loop_
_entity.id
_entity.type
_entity.pdbx_description
1 polymer 'clade A/E 93TH057 HIV-1 gp120 core'
2 non-polymer 2-acetamido-2-deoxy-beta-D-glucopyranose
3 non-polymer '4-(2-HYDROXYETHYL)-1-PIPERAZINE ETHANESULFONIC ACID'
4 non-polymer "N-[(1S,2S)-2-carbamimidamido-2,3-dihydro-1H-inden-1-yl]-N'-(4-chloro-3-fluorophenyl)ethanediamide"
5 water water
#
_entity_poly.entity_id   1
_entity_poly.type   'polypeptide(L)'
_entity_poly.pdbx_seq_one_letter_code
;VWKDADTTLFCASDAKAHETEVHNVWATHACVPTDPNPQEIHLENVTENFNMWKNNMVEQMQEDVISLWDQSLQPCVKLT
GGSVIKQACPKISFDPIPIHYCTPAGYVILKCNDKNFNGTGPCKNVSSVQCTHGIKPVVSTQLLLNGSLAEEEIIIRSEN
LTNNAKTIIVHLNKSVEINCTRPSNGGSGSGGDIRKAYCEINGTKWNKVLKQVTEKLKEHFNNKTIIFQPPSGGDLEITM
HSFNCRGEFFYCNTTQLFNNTCIGNETMKGCNGTITLPCKIKQIINMWQGTGQAMYAPPIDGKINCVSNITGILLTRDGG
ANNTSNETFRPGGGNIKDNWRSELYKYKVVQIE
;
_entity_poly.pdbx_strand_id   A
#
loop_
_chem_comp.id
_chem_comp.type
_chem_comp.name
_chem_comp.formula
0LK non-polymer N-[(1S,2S)-2-carbamimidamido-2,3-dihydro-1H-inden-1-yl]-N'-(4-chloro-3-fluorophenyl)ethanediamide 'C18 H17 Cl F N5 O2'
EPE non-polymer '4-(2-HYDROXYETHYL)-1-PIPERAZINE ETHANESULFONIC ACID' 'C8 H18 N2 O4 S'
NAG D-saccharide, beta linking 2-acetamido-2-deoxy-beta-D-glucopyranose 'C8 H15 N O6'
#
# COMPACT_ATOMS: atom_id res chain seq x y z
N VAL A 1 -26.96 19.13 -7.17
CA VAL A 1 -26.49 18.34 -8.30
C VAL A 1 -25.00 18.62 -8.55
N TRP A 2 -24.32 17.66 -9.17
CA TRP A 2 -22.87 17.70 -9.29
C TRP A 2 -22.40 16.96 -10.54
N LYS A 3 -21.10 17.03 -10.82
CA LYS A 3 -20.50 16.31 -11.94
C LYS A 3 -19.07 15.90 -11.60
N ASP A 4 -18.60 14.80 -12.17
CA ASP A 4 -17.23 14.36 -11.92
C ASP A 4 -16.25 15.46 -12.31
N ALA A 5 -15.24 15.70 -11.48
CA ALA A 5 -14.29 16.75 -11.77
C ALA A 5 -12.94 16.52 -11.09
N ASP A 6 -11.90 17.09 -11.66
CA ASP A 6 -10.60 17.10 -11.02
C ASP A 6 -10.30 18.50 -10.49
N THR A 7 -9.64 18.56 -9.34
CA THR A 7 -9.19 19.83 -8.79
C THR A 7 -8.11 19.52 -7.78
N THR A 8 -7.34 20.54 -7.40
CA THR A 8 -6.28 20.36 -6.42
C THR A 8 -6.86 20.22 -5.02
N LEU A 9 -6.52 19.11 -4.37
CA LEU A 9 -6.97 18.83 -3.02
C LEU A 9 -6.02 19.48 -2.02
N PHE A 10 -6.44 19.58 -0.77
CA PHE A 10 -5.50 19.91 0.28
C PHE A 10 -5.48 18.77 1.28
N CYS A 11 -4.54 18.80 2.20
CA CYS A 11 -4.44 17.72 3.18
C CYS A 11 -4.68 18.24 4.60
N ALA A 12 -5.17 17.35 5.46
CA ALA A 12 -5.39 17.67 6.86
C ALA A 12 -4.84 16.54 7.69
N SER A 13 -4.38 16.85 8.90
CA SER A 13 -3.77 15.84 9.75
C SER A 13 -3.73 16.32 11.19
N ASP A 14 -3.37 15.41 12.09
CA ASP A 14 -3.21 15.74 13.51
C ASP A 14 -1.74 15.77 13.87
N ALA A 15 -0.91 16.13 12.89
CA ALA A 15 0.54 16.21 13.08
C ALA A 15 0.91 17.07 14.28
N LYS A 16 1.95 16.67 14.99
CA LYS A 16 2.46 17.39 16.16
C LYS A 16 3.60 18.34 15.78
N ALA A 17 3.45 19.61 16.09
CA ALA A 17 4.43 20.63 15.70
C ALA A 17 5.76 20.49 16.44
N HIS A 18 5.75 19.80 17.58
CA HIS A 18 6.97 19.62 18.37
C HIS A 18 7.71 18.33 18.03
N GLU A 19 7.13 17.52 17.15
CA GLU A 19 7.74 16.26 16.74
C GLU A 19 8.82 16.46 15.70
N THR A 20 9.87 15.65 15.79
CA THR A 20 10.91 15.62 14.76
C THR A 20 10.65 14.53 13.74
N GLU A 21 9.74 13.62 14.06
CA GLU A 21 9.37 12.55 13.13
C GLU A 21 8.98 13.17 11.79
N VAL A 22 9.42 12.58 10.69
CA VAL A 22 9.40 13.27 9.39
C VAL A 22 8.01 13.46 8.76
N HIS A 23 7.09 12.52 8.99
CA HIS A 23 5.72 12.69 8.51
C HIS A 23 5.03 13.81 9.25
N ASN A 24 5.30 13.89 10.56
CA ASN A 24 4.78 14.98 11.37
C ASN A 24 5.28 16.33 10.89
N VAL A 25 6.59 16.41 10.65
CA VAL A 25 7.21 17.64 10.18
C VAL A 25 6.65 18.07 8.84
N TRP A 26 6.56 17.14 7.90
CA TRP A 26 6.01 17.45 6.57
C TRP A 26 4.58 17.97 6.67
N ALA A 27 3.74 17.28 7.42
CA ALA A 27 2.33 17.64 7.54
C ALA A 27 2.15 18.96 8.28
N THR A 28 3.02 19.24 9.23
CA THR A 28 2.96 20.50 9.96
C THR A 28 3.10 21.68 9.02
N HIS A 29 3.84 21.48 7.93
CA HIS A 29 4.11 22.54 6.96
C HIS A 29 3.23 22.47 5.71
N ALA A 30 2.71 21.28 5.40
CA ALA A 30 1.97 21.07 4.15
C ALA A 30 0.47 20.86 4.31
N CYS A 31 0.01 20.65 5.53
CA CYS A 31 -1.39 20.33 5.77
C CYS A 31 -2.03 21.27 6.79
N VAL A 32 -3.36 21.23 6.87
CA VAL A 32 -4.07 22.02 7.88
C VAL A 32 -4.66 21.09 8.94
N PRO A 33 -5.18 21.65 10.04
CA PRO A 33 -5.80 20.83 11.09
C PRO A 33 -7.05 20.11 10.62
N THR A 34 -7.35 18.97 11.24
CA THR A 34 -8.55 18.21 10.91
C THR A 34 -9.79 18.85 11.52
N ASP A 35 -10.94 18.44 11.02
CA ASP A 35 -12.22 18.90 11.56
C ASP A 35 -12.67 17.91 12.63
N PRO A 36 -12.83 18.39 13.87
CA PRO A 36 -13.24 17.50 14.97
C PRO A 36 -14.69 17.06 14.85
N ASN A 37 -15.47 17.73 14.01
CA ASN A 37 -16.88 17.39 13.81
C ASN A 37 -17.25 17.26 12.34
N PRO A 38 -16.63 16.31 11.63
CA PRO A 38 -16.84 16.14 10.18
C PRO A 38 -18.28 15.77 9.85
N GLN A 39 -18.79 16.35 8.76
CA GLN A 39 -20.15 16.08 8.31
C GLN A 39 -20.12 15.05 7.20
N GLU A 40 -21.01 14.07 7.28
CA GLU A 40 -21.17 13.08 6.21
C GLU A 40 -22.64 12.93 5.89
N ILE A 41 -22.99 13.19 4.64
CA ILE A 41 -24.38 13.18 4.22
C ILE A 41 -24.68 11.99 3.32
N HIS A 42 -25.61 11.14 3.73
CA HIS A 42 -26.04 10.05 2.88
C HIS A 42 -26.97 10.56 1.79
N LEU A 43 -26.68 10.22 0.54
CA LEU A 43 -27.49 10.67 -0.58
C LEU A 43 -28.59 9.67 -0.86
N GLU A 44 -29.82 10.01 -0.50
CA GLU A 44 -30.95 9.09 -0.70
C GLU A 44 -31.23 8.81 -2.17
N ASN A 45 -31.42 7.53 -2.49
CA ASN A 45 -31.67 7.07 -3.87
C ASN A 45 -30.72 7.60 -4.92
N VAL A 46 -29.45 7.71 -4.58
CA VAL A 46 -28.49 8.16 -5.57
C VAL A 46 -27.56 7.01 -5.89
N THR A 47 -27.42 6.72 -7.19
CA THR A 47 -26.44 5.74 -7.65
C THR A 47 -25.34 6.50 -8.41
N GLU A 48 -24.10 6.26 -8.03
CA GLU A 48 -22.96 6.91 -8.68
C GLU A 48 -21.96 5.88 -9.17
N ASN A 49 -21.35 6.16 -10.33
CA ASN A 49 -20.29 5.29 -10.86
C ASN A 49 -18.93 5.73 -10.35
N PHE A 50 -18.10 4.76 -9.98
CA PHE A 50 -16.72 5.01 -9.58
C PHE A 50 -15.78 4.21 -10.48
N ASN A 51 -14.56 4.68 -10.63
CA ASN A 51 -13.52 3.91 -11.30
C ASN A 51 -12.18 4.15 -10.63
N MET A 52 -11.80 3.23 -9.73
CA MET A 52 -10.61 3.41 -8.92
C MET A 52 -9.34 3.49 -9.75
N TRP A 53 -9.40 2.98 -10.98
CA TRP A 53 -8.22 2.90 -11.85
C TRP A 53 -8.00 4.17 -12.66
N LYS A 54 -8.96 5.08 -12.57
CA LYS A 54 -8.85 6.39 -13.20
C LYS A 54 -9.35 7.42 -12.19
N ASN A 55 -8.51 7.68 -11.20
CA ASN A 55 -8.87 8.53 -10.09
C ASN A 55 -7.69 9.44 -9.78
N ASN A 56 -7.83 10.72 -10.14
CA ASN A 56 -6.75 11.67 -9.99
C ASN A 56 -6.35 11.93 -8.54
N MET A 57 -7.16 11.51 -7.58
CA MET A 57 -6.79 11.59 -6.17
C MET A 57 -5.53 10.75 -5.89
N VAL A 58 -5.41 9.65 -6.61
CA VAL A 58 -4.26 8.76 -6.48
C VAL A 58 -2.96 9.46 -6.92
N GLU A 59 -3.01 10.13 -8.06
CA GLU A 59 -1.84 10.86 -8.55
C GLU A 59 -1.44 11.96 -7.57
N GLN A 60 -2.43 12.62 -6.98
CA GLN A 60 -2.17 13.70 -6.04
C GLN A 60 -1.54 13.18 -4.75
N MET A 61 -2.03 12.05 -4.25
CA MET A 61 -1.42 11.47 -3.06
C MET A 61 0.02 11.06 -3.37
N GLN A 62 0.22 10.48 -4.55
CA GLN A 62 1.56 10.10 -4.98
C GLN A 62 2.49 11.31 -4.99
N GLU A 63 2.03 12.41 -5.57
CA GLU A 63 2.82 13.64 -5.58
C GLU A 63 3.23 14.07 -4.16
N ASP A 64 2.30 13.97 -3.22
CA ASP A 64 2.59 14.33 -1.82
C ASP A 64 3.66 13.45 -1.18
N VAL A 65 3.53 12.14 -1.34
CA VAL A 65 4.48 11.22 -0.72
C VAL A 65 5.86 11.35 -1.35
N ILE A 66 5.91 11.60 -2.65
CA ILE A 66 7.19 11.85 -3.31
C ILE A 66 7.85 13.08 -2.70
N SER A 67 7.06 14.14 -2.52
CA SER A 67 7.56 15.37 -1.92
C SER A 67 8.06 15.10 -0.50
N LEU A 68 7.27 14.36 0.26
CA LEU A 68 7.67 14.01 1.62
C LEU A 68 8.99 13.22 1.65
N TRP A 69 9.10 12.20 0.82
CA TRP A 69 10.32 11.38 0.77
C TRP A 69 11.53 12.17 0.23
N ASP A 70 11.27 13.09 -0.70
CA ASP A 70 12.35 13.88 -1.27
C ASP A 70 12.95 14.85 -0.24
N GLN A 71 12.11 15.35 0.67
CA GLN A 71 12.59 16.29 1.68
C GLN A 71 13.16 15.56 2.90
N SER A 72 12.66 14.36 3.17
CA SER A 72 12.89 13.70 4.44
C SER A 72 13.89 12.54 4.38
N LEU A 73 14.04 11.93 3.22
CA LEU A 73 14.88 10.74 3.08
C LEU A 73 15.90 10.85 1.95
N GLN A 74 16.64 11.94 1.91
CA GLN A 74 17.74 12.05 0.96
C GLN A 74 18.89 11.13 1.38
N PRO A 75 19.47 10.43 0.41
CA PRO A 75 20.52 9.44 0.64
C PRO A 75 21.90 10.08 0.67
N CYS A 76 22.91 9.33 1.09
CA CYS A 76 24.28 9.81 1.06
C CYS A 76 24.73 9.95 -0.40
N VAL A 77 24.30 9.01 -1.22
CA VAL A 77 24.62 9.03 -2.64
C VAL A 77 23.37 8.74 -3.47
N LYS A 78 23.19 9.48 -4.55
CA LYS A 78 22.06 9.28 -5.44
C LYS A 78 22.52 9.15 -6.88
N LEU A 79 22.29 7.97 -7.46
CA LEU A 79 22.64 7.72 -8.85
C LEU A 79 21.40 7.85 -9.72
N THR A 80 21.32 8.94 -10.47
CA THR A 80 20.13 9.21 -11.28
C THR A 80 20.48 9.83 -12.63
N GLY A 81 19.99 9.22 -13.69
CA GLY A 81 20.18 9.72 -15.04
C GLY A 81 21.63 9.96 -15.43
N GLY A 82 22.52 9.13 -14.92
CA GLY A 82 23.93 9.21 -15.28
C GLY A 82 24.74 10.14 -14.39
N SER A 83 24.07 10.86 -13.51
CA SER A 83 24.76 11.78 -12.60
C SER A 83 24.88 11.23 -11.17
N VAL A 84 25.87 11.71 -10.44
CA VAL A 84 26.08 11.29 -9.07
C VAL A 84 25.93 12.47 -8.12
N ILE A 85 24.94 12.38 -7.23
CA ILE A 85 24.65 13.44 -6.28
C ILE A 85 25.00 12.98 -4.87
N LYS A 86 25.89 13.69 -4.19
CA LYS A 86 26.30 13.33 -2.85
C LYS A 86 25.84 14.37 -1.83
N GLN A 87 25.33 13.91 -0.70
CA GLN A 87 24.93 14.81 0.38
C GLN A 87 24.85 14.12 1.73
N ALA A 88 24.62 14.92 2.77
CA ALA A 88 24.50 14.39 4.14
C ALA A 88 23.27 13.50 4.27
N CYS A 89 23.39 12.43 5.05
CA CYS A 89 22.32 11.47 5.19
C CYS A 89 22.13 11.04 6.64
N PRO A 90 21.75 12.00 7.50
CA PRO A 90 21.57 11.70 8.94
C PRO A 90 20.43 10.71 9.17
N LYS A 91 20.50 9.98 10.28
CA LYS A 91 19.41 9.11 10.67
C LYS A 91 18.21 9.96 11.08
N ILE A 92 17.01 9.45 10.81
CA ILE A 92 15.80 10.20 11.11
C ILE A 92 14.84 9.40 11.97
N SER A 93 13.80 10.08 12.43
CA SER A 93 12.67 9.46 13.10
C SER A 93 11.57 9.27 12.06
N PHE A 94 11.09 8.05 11.90
CA PHE A 94 10.21 7.71 10.79
C PHE A 94 9.08 6.78 11.22
N ASP A 95 7.85 7.25 11.05
CA ASP A 95 6.65 6.49 11.40
C ASP A 95 5.43 7.19 10.80
N PRO A 96 4.87 6.63 9.74
CA PRO A 96 3.78 7.26 8.97
C PRO A 96 2.60 7.68 9.85
N ILE A 97 2.00 8.83 9.54
CA ILE A 97 0.80 9.27 10.22
C ILE A 97 -0.34 9.38 9.22
N PRO A 98 -1.58 9.30 9.70
CA PRO A 98 -2.72 9.39 8.78
C PRO A 98 -2.86 10.77 8.16
N ILE A 99 -3.03 10.82 6.85
CA ILE A 99 -3.24 12.06 6.15
C ILE A 99 -4.61 12.01 5.50
N HIS A 100 -5.42 13.06 5.71
CA HIS A 100 -6.74 13.17 5.11
C HIS A 100 -6.66 14.01 3.84
N TYR A 101 -7.31 13.56 2.78
CA TYR A 101 -7.41 14.36 1.55
C TYR A 101 -8.77 15.03 1.43
N CYS A 102 -8.74 16.33 1.15
CA CYS A 102 -9.93 17.17 1.26
C CYS A 102 -10.16 18.05 0.04
N THR A 103 -11.42 18.31 -0.26
CA THR A 103 -11.78 19.16 -1.39
C THR A 103 -11.92 20.62 -0.99
N PRO A 104 -11.55 21.53 -1.90
CA PRO A 104 -11.76 22.97 -1.70
C PRO A 104 -13.22 23.34 -1.89
N ALA A 105 -13.54 24.61 -1.65
CA ALA A 105 -14.91 25.09 -1.83
C ALA A 105 -15.43 24.79 -3.23
N GLY A 106 -16.71 24.44 -3.32
CA GLY A 106 -17.35 24.19 -4.60
C GLY A 106 -17.19 22.75 -5.05
N TYR A 107 -16.47 21.96 -4.25
CA TYR A 107 -16.29 20.55 -4.54
C TYR A 107 -16.62 19.72 -3.32
N VAL A 108 -16.81 18.43 -3.54
CA VAL A 108 -17.04 17.49 -2.45
C VAL A 108 -16.54 16.12 -2.86
N ILE A 109 -16.34 15.24 -1.89
CA ILE A 109 -15.92 13.87 -2.18
C ILE A 109 -17.11 12.94 -1.99
N LEU A 110 -17.45 12.21 -3.03
CA LEU A 110 -18.46 11.15 -2.92
C LEU A 110 -17.76 9.87 -2.47
N LYS A 111 -18.40 9.14 -1.57
CA LYS A 111 -17.82 7.93 -1.00
C LYS A 111 -18.75 6.74 -1.22
N CYS A 112 -18.21 5.66 -1.76
CA CYS A 112 -19.01 4.46 -1.96
C CYS A 112 -19.03 3.63 -0.69
N ASN A 113 -20.22 3.36 -0.16
CA ASN A 113 -20.35 2.57 1.05
C ASN A 113 -20.85 1.15 0.80
N ASP A 114 -20.97 0.77 -0.46
CA ASP A 114 -21.29 -0.61 -0.81
C ASP A 114 -20.15 -1.52 -0.33
N LYS A 115 -20.46 -2.44 0.58
CA LYS A 115 -19.40 -3.20 1.25
C LYS A 115 -18.55 -4.08 0.33
N ASN A 116 -19.16 -4.63 -0.71
CA ASN A 116 -18.42 -5.52 -1.62
C ASN A 116 -18.09 -4.87 -2.96
N PHE A 117 -18.08 -3.54 -2.99
CA PHE A 117 -17.75 -2.80 -4.20
C PHE A 117 -16.34 -3.12 -4.68
N ASN A 118 -16.20 -3.49 -5.95
CA ASN A 118 -14.90 -3.92 -6.46
C ASN A 118 -14.01 -2.78 -6.97
N GLY A 119 -14.55 -1.57 -7.01
CA GLY A 119 -13.75 -0.42 -7.39
C GLY A 119 -14.13 0.20 -8.71
N THR A 120 -14.86 -0.53 -9.54
CA THR A 120 -15.34 0.00 -10.82
C THR A 120 -16.81 -0.34 -11.06
N GLY A 121 -17.60 0.68 -11.35
CA GLY A 121 -19.01 0.49 -11.64
C GLY A 121 -19.89 1.27 -10.68
N PRO A 122 -21.20 0.98 -10.70
CA PRO A 122 -22.21 1.68 -9.89
C PRO A 122 -22.14 1.34 -8.41
N CYS A 123 -22.45 2.33 -7.58
CA CYS A 123 -22.50 2.16 -6.13
C CYS A 123 -23.87 2.68 -5.70
N LYS A 124 -24.56 1.91 -4.88
CA LYS A 124 -25.95 2.22 -4.53
C LYS A 124 -26.09 3.00 -3.22
N ASN A 125 -25.09 2.86 -2.35
CA ASN A 125 -25.08 3.53 -1.06
C ASN A 125 -23.95 4.56 -1.01
N VAL A 126 -24.27 5.78 -1.42
CA VAL A 126 -23.26 6.82 -1.59
C VAL A 126 -23.44 7.92 -0.57
N SER A 127 -22.34 8.43 -0.03
CA SER A 127 -22.40 9.58 0.86
C SER A 127 -21.44 10.66 0.38
N SER A 128 -21.62 11.89 0.87
CA SER A 128 -20.71 12.96 0.52
C SER A 128 -19.97 13.44 1.76
N VAL A 129 -18.68 13.71 1.59
CA VAL A 129 -17.81 14.13 2.69
C VAL A 129 -16.85 15.19 2.18
N GLN A 130 -16.27 15.98 3.08
CA GLN A 130 -15.26 16.96 2.65
C GLN A 130 -13.87 16.34 2.57
N CYS A 131 -13.63 15.31 3.38
CA CYS A 131 -12.32 14.68 3.48
C CYS A 131 -12.40 13.16 3.48
N THR A 132 -11.35 12.52 3.00
CA THR A 132 -11.24 11.07 3.10
C THR A 132 -10.94 10.70 4.55
N HIS A 133 -10.95 9.40 4.84
CA HIS A 133 -10.43 8.93 6.11
C HIS A 133 -8.94 9.22 6.14
N GLY A 134 -8.33 9.06 7.31
CA GLY A 134 -6.89 9.28 7.45
C GLY A 134 -6.11 8.12 6.85
N ILE A 135 -5.39 8.39 5.76
CA ILE A 135 -4.63 7.36 5.08
C ILE A 135 -3.13 7.47 5.40
N LYS A 136 -2.56 6.42 5.97
CA LYS A 136 -1.12 6.40 6.22
C LYS A 136 -0.38 6.09 4.91
N PRO A 137 0.63 6.89 4.57
CA PRO A 137 1.33 6.70 3.30
C PRO A 137 2.41 5.62 3.40
N VAL A 138 1.98 4.39 3.64
CA VAL A 138 2.91 3.28 3.82
C VAL A 138 3.40 2.78 2.48
N VAL A 139 4.69 2.89 2.26
CA VAL A 139 5.31 2.40 1.03
C VAL A 139 5.80 0.97 1.24
N SER A 140 5.31 0.06 0.42
CA SER A 140 5.74 -1.34 0.49
C SER A 140 5.49 -2.04 -0.83
N THR A 141 6.11 -3.21 -0.99
CA THR A 141 5.76 -4.10 -2.10
C THR A 141 5.25 -5.44 -1.57
N GLN A 142 4.56 -6.18 -2.44
CA GLN A 142 4.02 -7.51 -2.15
C GLN A 142 2.87 -7.52 -1.15
N LEU A 143 3.12 -6.99 0.04
CA LEU A 143 2.12 -6.95 1.09
C LEU A 143 1.74 -5.52 1.42
N LEU A 144 0.45 -5.23 1.49
CA LEU A 144 -0.03 -3.93 1.92
C LEU A 144 -0.12 -3.91 3.44
N LEU A 145 0.48 -2.90 4.07
CA LEU A 145 0.61 -2.86 5.52
C LEU A 145 -0.16 -1.70 6.14
N ASN A 146 -0.78 -1.97 7.28
CA ASN A 146 -1.43 -0.94 8.08
C ASN A 146 -2.52 -0.18 7.34
N GLY A 147 -3.14 -0.82 6.35
CA GLY A 147 -4.22 -0.19 5.60
C GLY A 147 -5.57 -0.46 6.24
N SER A 148 -6.64 -0.12 5.50
CA SER A 148 -8.00 -0.39 5.95
C SER A 148 -8.44 -1.75 5.42
N LEU A 149 -9.27 -2.45 6.19
CA LEU A 149 -9.72 -3.77 5.80
C LEU A 149 -11.06 -3.72 5.07
N ALA A 150 -11.30 -4.71 4.23
CA ALA A 150 -12.61 -4.87 3.60
C ALA A 150 -13.62 -5.19 4.69
N GLU A 151 -14.82 -4.62 4.58
CA GLU A 151 -15.82 -4.73 5.63
C GLU A 151 -16.62 -6.02 5.60
N GLU A 152 -16.64 -6.68 4.46
CA GLU A 152 -17.38 -7.94 4.33
C GLU A 152 -16.50 -9.07 3.80
N GLU A 153 -16.64 -9.37 2.51
CA GLU A 153 -15.85 -10.42 1.90
C GLU A 153 -14.52 -9.89 1.37
N ILE A 154 -13.55 -10.79 1.21
CA ILE A 154 -12.30 -10.45 0.55
C ILE A 154 -12.63 -9.98 -0.85
N ILE A 155 -11.96 -8.92 -1.30
CA ILE A 155 -12.25 -8.35 -2.60
C ILE A 155 -11.04 -8.40 -3.52
N ILE A 156 -11.25 -8.88 -4.74
CA ILE A 156 -10.23 -8.88 -5.77
C ILE A 156 -10.40 -7.65 -6.67
N ARG A 157 -9.37 -6.82 -6.76
CA ARG A 157 -9.45 -5.60 -7.58
C ARG A 157 -8.41 -5.66 -8.70
N SER A 158 -8.84 -5.32 -9.91
CA SER A 158 -7.92 -5.23 -11.04
C SER A 158 -8.49 -4.31 -12.12
N GLU A 159 -7.62 -3.56 -12.79
CA GLU A 159 -8.06 -2.71 -13.90
C GLU A 159 -8.68 -3.59 -14.99
N ASN A 160 -8.17 -4.82 -15.09
CA ASN A 160 -8.67 -5.80 -16.05
C ASN A 160 -8.15 -7.19 -15.70
N LEU A 161 -8.95 -7.93 -14.94
CA LEU A 161 -8.57 -9.25 -14.45
C LEU A 161 -8.12 -10.20 -15.56
N THR A 162 -8.74 -10.07 -16.73
CA THR A 162 -8.42 -10.94 -17.86
C THR A 162 -7.02 -10.68 -18.40
N ASN A 163 -6.53 -9.47 -18.19
CA ASN A 163 -5.21 -9.07 -18.66
C ASN A 163 -4.16 -9.37 -17.60
N ASN A 164 -3.38 -10.42 -17.82
CA ASN A 164 -2.37 -10.86 -16.84
C ASN A 164 -1.32 -9.82 -16.51
N ALA A 165 -1.22 -8.77 -17.32
CA ALA A 165 -0.22 -7.73 -17.11
C ALA A 165 -0.68 -6.70 -16.08
N LYS A 166 -1.96 -6.71 -15.74
CA LYS A 166 -2.49 -5.76 -14.76
C LYS A 166 -2.39 -6.36 -13.36
N THR A 167 -1.89 -5.56 -12.43
CA THR A 167 -1.68 -6.02 -11.06
C THR A 167 -3.01 -6.25 -10.35
N ILE A 168 -3.06 -7.29 -9.52
CA ILE A 168 -4.24 -7.60 -8.74
C ILE A 168 -4.03 -7.13 -7.31
N ILE A 169 -4.99 -6.36 -6.80
CA ILE A 169 -4.99 -5.98 -5.39
C ILE A 169 -5.99 -6.87 -4.68
N VAL A 170 -5.50 -7.66 -3.72
CA VAL A 170 -6.36 -8.48 -2.89
C VAL A 170 -6.64 -7.69 -1.62
N HIS A 171 -7.90 -7.39 -1.38
CA HIS A 171 -8.27 -6.62 -0.20
C HIS A 171 -8.78 -7.57 0.89
N LEU A 172 -7.99 -7.73 1.94
CA LEU A 172 -8.32 -8.69 2.99
C LEU A 172 -9.42 -8.15 3.89
N ASN A 173 -10.18 -9.07 4.51
CA ASN A 173 -11.21 -8.65 5.45
C ASN A 173 -10.80 -8.91 6.91
N LYS A 174 -9.64 -9.53 7.08
CA LYS A 174 -9.11 -9.79 8.41
C LYS A 174 -7.59 -9.61 8.42
N SER A 175 -7.10 -8.80 9.36
CA SER A 175 -5.67 -8.52 9.47
C SER A 175 -4.87 -9.74 9.89
N VAL A 176 -3.66 -9.87 9.35
CA VAL A 176 -2.71 -10.85 9.84
C VAL A 176 -1.43 -10.11 10.22
N GLU A 177 -1.04 -10.19 11.48
CA GLU A 177 0.14 -9.45 11.93
C GLU A 177 1.43 -10.01 11.36
N ILE A 178 2.34 -9.11 11.02
CA ILE A 178 3.68 -9.50 10.63
C ILE A 178 4.63 -8.73 11.53
N ASN A 179 5.49 -9.46 12.24
CA ASN A 179 6.36 -8.89 13.26
C ASN A 179 7.82 -8.97 12.86
N CYS A 180 8.37 -7.84 12.41
CA CYS A 180 9.73 -7.82 11.89
C CYS A 180 10.72 -7.20 12.86
N THR A 181 11.88 -7.82 12.97
CA THR A 181 12.89 -7.38 13.93
C THR A 181 14.31 -7.59 13.43
N ARG A 182 15.15 -6.60 13.67
CA ARG A 182 16.60 -6.73 13.51
C ARG A 182 17.12 -6.78 14.94
N PRO A 183 17.45 -7.97 15.43
CA PRO A 183 17.72 -8.13 16.85
C PRO A 183 18.89 -7.27 17.33
N SER A 184 18.85 -6.89 18.60
CA SER A 184 19.82 -5.96 19.16
C SER A 184 21.26 -6.44 19.10
N ASN A 185 21.50 -7.66 19.57
CA ASN A 185 22.86 -8.21 19.57
C ASN A 185 23.01 -9.46 18.70
N GLY A 192 27.77 -9.91 15.38
CA GLY A 192 26.79 -10.49 14.49
C GLY A 192 26.51 -9.63 13.27
N ASP A 193 25.81 -10.21 12.29
CA ASP A 193 25.46 -9.50 11.06
C ASP A 193 24.36 -8.48 11.32
N ILE A 194 24.71 -7.20 11.27
CA ILE A 194 23.79 -6.12 11.62
C ILE A 194 22.67 -5.90 10.61
N ARG A 195 22.82 -6.44 9.41
CA ARG A 195 21.78 -6.27 8.38
C ARG A 195 20.83 -7.46 8.33
N LYS A 196 21.13 -8.48 9.15
CA LYS A 196 20.28 -9.66 9.20
C LYS A 196 19.04 -9.41 10.04
N ALA A 197 17.87 -9.70 9.47
CA ALA A 197 16.61 -9.51 10.18
C ALA A 197 15.65 -10.64 9.88
N TYR A 198 14.45 -10.58 10.44
CA TYR A 198 13.45 -11.61 10.22
C TYR A 198 12.05 -11.13 10.58
N CYS A 199 11.05 -11.68 9.91
CA CYS A 199 9.66 -11.34 10.19
C CYS A 199 8.94 -12.59 10.66
N GLU A 200 8.14 -12.45 11.71
CA GLU A 200 7.40 -13.59 12.24
C GLU A 200 5.91 -13.44 11.94
N ILE A 201 5.30 -14.51 11.46
CA ILE A 201 3.88 -14.52 11.13
C ILE A 201 3.25 -15.79 11.68
N ASN A 202 2.10 -15.64 12.33
CA ASN A 202 1.35 -16.79 12.80
C ASN A 202 0.90 -17.62 11.59
N GLY A 203 1.46 -18.81 11.46
CA GLY A 203 1.20 -19.67 10.32
C GLY A 203 -0.22 -20.20 10.24
N THR A 204 -0.81 -20.46 11.40
CA THR A 204 -2.19 -20.93 11.44
C THR A 204 -3.12 -19.85 10.86
N LYS A 205 -2.90 -18.61 11.29
CA LYS A 205 -3.73 -17.49 10.86
C LYS A 205 -3.53 -17.18 9.38
N TRP A 206 -2.28 -17.14 8.95
CA TRP A 206 -1.96 -16.75 7.59
C TRP A 206 -2.46 -17.75 6.55
N ASN A 207 -2.22 -19.04 6.80
CA ASN A 207 -2.64 -20.07 5.87
C ASN A 207 -4.17 -20.15 5.76
N LYS A 208 -4.85 -19.80 6.85
CA LYS A 208 -6.31 -19.71 6.84
C LYS A 208 -6.75 -18.62 5.86
N VAL A 209 -6.09 -17.47 5.95
CA VAL A 209 -6.42 -16.34 5.08
C VAL A 209 -6.05 -16.60 3.63
N LEU A 210 -4.88 -17.20 3.40
CA LEU A 210 -4.45 -17.49 2.04
C LEU A 210 -5.40 -18.50 1.39
N LYS A 211 -5.87 -19.46 2.18
CA LYS A 211 -6.85 -20.41 1.68
C LYS A 211 -8.13 -19.69 1.25
N GLN A 212 -8.55 -18.72 2.05
CA GLN A 212 -9.71 -17.91 1.72
C GLN A 212 -9.47 -17.06 0.46
N VAL A 213 -8.26 -16.54 0.32
CA VAL A 213 -7.92 -15.77 -0.88
C VAL A 213 -8.00 -16.68 -2.10
N THR A 214 -7.50 -17.90 -1.94
CA THR A 214 -7.55 -18.91 -2.99
C THR A 214 -8.99 -19.20 -3.39
N GLU A 215 -9.87 -19.30 -2.40
CA GLU A 215 -11.29 -19.58 -2.67
C GLU A 215 -11.94 -18.43 -3.42
N LYS A 216 -11.53 -17.20 -3.10
CA LYS A 216 -12.05 -16.04 -3.80
C LYS A 216 -11.58 -16.02 -5.25
N LEU A 217 -10.29 -16.30 -5.44
CA LEU A 217 -9.73 -16.31 -6.78
C LEU A 217 -10.41 -17.39 -7.64
N LYS A 218 -10.78 -18.51 -7.02
CA LYS A 218 -11.50 -19.55 -7.75
C LYS A 218 -12.83 -19.03 -8.29
N GLU A 219 -13.45 -18.12 -7.56
CA GLU A 219 -14.73 -17.56 -7.98
C GLU A 219 -14.56 -16.74 -9.25
N HIS A 220 -13.37 -16.20 -9.44
CA HIS A 220 -13.10 -15.34 -10.60
C HIS A 220 -12.49 -16.10 -11.77
N PHE A 221 -11.86 -17.23 -11.47
CA PHE A 221 -11.16 -18.00 -12.49
C PHE A 221 -11.76 -19.40 -12.69
N ASN A 222 -13.08 -19.47 -12.64
CA ASN A 222 -13.83 -20.65 -13.02
C ASN A 222 -13.41 -21.94 -12.31
N ASN A 223 -13.04 -21.81 -11.03
CA ASN A 223 -12.64 -22.96 -10.23
C ASN A 223 -11.39 -23.68 -10.71
N LYS A 224 -10.55 -23.00 -11.47
CA LYS A 224 -9.26 -23.59 -11.85
C LYS A 224 -8.42 -23.74 -10.59
N THR A 225 -7.42 -24.62 -10.66
CA THR A 225 -6.52 -24.80 -9.53
C THR A 225 -5.68 -23.53 -9.36
N ILE A 226 -5.61 -23.03 -8.13
CA ILE A 226 -4.87 -21.80 -7.87
C ILE A 226 -3.51 -22.14 -7.26
N ILE A 227 -2.44 -21.71 -7.92
CA ILE A 227 -1.09 -22.00 -7.47
C ILE A 227 -0.31 -20.72 -7.22
N PHE A 228 0.41 -20.69 -6.11
CA PHE A 228 1.29 -19.56 -5.81
C PHE A 228 2.75 -19.94 -6.12
N GLN A 229 3.49 -18.99 -6.68
CA GLN A 229 4.88 -19.20 -7.03
C GLN A 229 5.70 -17.96 -6.66
N PRO A 230 7.02 -18.12 -6.50
CA PRO A 230 7.78 -16.93 -6.13
C PRO A 230 7.89 -16.01 -7.34
N PRO A 231 8.21 -14.73 -7.12
CA PRO A 231 8.41 -13.87 -8.29
C PRO A 231 9.45 -14.48 -9.21
N SER A 232 9.25 -14.36 -10.52
CA SER A 232 10.10 -15.03 -11.49
C SER A 232 11.38 -14.24 -11.78
N GLY A 233 11.40 -12.97 -11.40
CA GLY A 233 12.56 -12.13 -11.62
C GLY A 233 12.28 -10.66 -11.36
N GLY A 234 13.27 -9.81 -11.61
CA GLY A 234 13.11 -8.38 -11.40
C GLY A 234 14.00 -7.86 -10.29
N ASP A 235 13.83 -6.59 -9.95
CA ASP A 235 14.62 -5.97 -8.90
C ASP A 235 14.27 -6.56 -7.54
N LEU A 236 15.22 -6.48 -6.61
CA LEU A 236 15.03 -7.03 -5.27
C LEU A 236 13.83 -6.40 -4.56
N GLU A 237 13.56 -5.14 -4.87
CA GLU A 237 12.45 -4.43 -4.24
C GLU A 237 11.11 -5.10 -4.56
N ILE A 238 11.07 -5.82 -5.69
CA ILE A 238 9.84 -6.47 -6.15
C ILE A 238 9.81 -7.95 -5.83
N THR A 239 10.95 -8.62 -5.97
CA THR A 239 11.01 -10.05 -5.69
C THR A 239 10.95 -10.33 -4.20
N MET A 240 11.26 -9.32 -3.39
CA MET A 240 11.15 -9.44 -1.95
C MET A 240 10.08 -8.47 -1.44
N HIS A 241 9.51 -8.75 -0.27
CA HIS A 241 8.62 -7.79 0.38
C HIS A 241 9.48 -6.67 0.94
N SER A 242 9.42 -5.50 0.32
CA SER A 242 10.21 -4.38 0.81
C SER A 242 9.34 -3.33 1.48
N PHE A 243 9.88 -2.73 2.55
CA PHE A 243 9.17 -1.71 3.28
C PHE A 243 10.19 -0.95 4.11
N ASN A 244 9.75 0.13 4.74
CA ASN A 244 10.64 0.90 5.60
C ASN A 244 10.19 0.82 7.06
N CYS A 245 11.11 0.43 7.93
CA CYS A 245 10.83 0.30 9.36
C CYS A 245 11.78 1.20 10.13
N ARG A 246 11.24 2.23 10.78
CA ARG A 246 12.04 3.17 11.57
C ARG A 246 13.14 3.82 10.74
N GLY A 247 12.89 4.00 9.44
CA GLY A 247 13.86 4.64 8.56
C GLY A 247 14.76 3.68 7.81
N GLU A 248 14.76 2.42 8.21
CA GLU A 248 15.62 1.40 7.60
C GLU A 248 14.85 0.61 6.56
N PHE A 249 15.50 0.30 5.44
CA PHE A 249 14.85 -0.44 4.36
C PHE A 249 14.99 -1.95 4.53
N PHE A 250 13.87 -2.61 4.81
CA PHE A 250 13.83 -4.05 4.99
C PHE A 250 13.46 -4.75 3.68
N TYR A 251 14.17 -5.84 3.40
CA TYR A 251 13.85 -6.71 2.27
C TYR A 251 13.63 -8.11 2.81
N CYS A 252 12.41 -8.64 2.68
CA CYS A 252 12.06 -9.92 3.27
C CYS A 252 11.63 -10.95 2.23
N ASN A 253 12.19 -12.15 2.37
CA ASN A 253 11.89 -13.25 1.47
C ASN A 253 10.55 -13.90 1.83
N THR A 254 9.59 -13.82 0.92
CA THR A 254 8.23 -14.28 1.20
C THR A 254 7.91 -15.68 0.64
N THR A 255 8.94 -16.41 0.23
CA THR A 255 8.73 -17.77 -0.31
C THR A 255 7.81 -18.59 0.61
N GLN A 256 8.08 -18.57 1.91
CA GLN A 256 7.34 -19.37 2.88
C GLN A 256 5.90 -18.92 3.06
N LEU A 257 5.61 -17.66 2.71
CA LEU A 257 4.26 -17.14 2.90
C LEU A 257 3.30 -17.71 1.88
N PHE A 258 3.80 -17.97 0.69
CA PHE A 258 2.96 -18.44 -0.40
C PHE A 258 3.22 -19.90 -0.69
N ASN A 259 2.98 -20.72 0.33
CA ASN A 259 3.25 -22.14 0.29
C ASN A 259 1.99 -22.93 -0.06
N ASN A 260 2.00 -23.54 -1.25
CA ASN A 260 0.84 -24.29 -1.73
C ASN A 260 0.49 -25.49 -0.84
N THR A 261 1.52 -26.06 -0.21
CA THR A 261 1.33 -27.24 0.64
C THR A 261 0.36 -26.97 1.79
N CYS A 262 0.52 -25.82 2.42
CA CYS A 262 -0.30 -25.45 3.58
C CYS A 262 -1.73 -25.09 3.19
N ILE A 263 -2.03 -25.13 1.90
CA ILE A 263 -3.39 -24.87 1.42
C ILE A 263 -4.18 -26.18 1.27
N ASN A 272 1.12 -24.61 10.48
CA ASN A 272 0.38 -24.06 11.62
C ASN A 272 1.29 -23.50 12.70
N GLY A 273 2.60 -23.56 12.47
CA GLY A 273 3.55 -23.03 13.43
C GLY A 273 3.88 -21.58 13.12
N THR A 274 4.96 -21.07 13.70
CA THR A 274 5.41 -19.73 13.37
C THR A 274 6.19 -19.76 12.06
N ILE A 275 5.83 -18.87 11.15
CA ILE A 275 6.56 -18.70 9.91
C ILE A 275 7.54 -17.55 10.10
N THR A 276 8.83 -17.84 9.95
CA THR A 276 9.85 -16.79 10.07
C THR A 276 10.51 -16.53 8.71
N LEU A 277 10.30 -15.35 8.17
CA LEU A 277 10.91 -14.97 6.89
C LEU A 277 12.28 -14.36 7.14
N PRO A 278 13.29 -14.80 6.37
CA PRO A 278 14.60 -14.15 6.48
C PRO A 278 14.56 -12.80 5.78
N CYS A 279 15.13 -11.79 6.44
CA CYS A 279 15.13 -10.44 5.90
C CYS A 279 16.53 -9.86 5.91
N LYS A 280 16.72 -8.79 5.17
CA LYS A 280 17.96 -8.04 5.19
C LYS A 280 17.67 -6.55 5.09
N ILE A 281 18.38 -5.76 5.87
CA ILE A 281 18.32 -4.31 5.72
C ILE A 281 19.31 -3.93 4.62
N LYS A 282 18.84 -3.22 3.61
CA LYS A 282 19.69 -2.80 2.51
C LYS A 282 19.99 -1.32 2.58
N GLN A 283 21.23 -0.95 2.25
CA GLN A 283 21.65 0.43 2.19
C GLN A 283 21.48 1.00 0.78
N ILE A 284 21.67 0.15 -0.22
CA ILE A 284 21.54 0.56 -1.61
C ILE A 284 20.17 0.13 -2.15
N ILE A 285 19.40 1.09 -2.62
CA ILE A 285 18.01 0.86 -2.99
C ILE A 285 17.65 1.37 -4.39
N ASN A 286 16.76 0.65 -5.06
CA ASN A 286 16.14 1.14 -6.28
C ASN A 286 14.93 1.96 -5.87
N MET A 287 14.96 3.24 -6.17
CA MET A 287 13.93 4.15 -5.67
C MET A 287 12.56 3.91 -6.30
N TRP A 288 11.52 3.84 -5.47
CA TRP A 288 10.17 3.63 -5.95
C TRP A 288 9.66 4.80 -6.79
N GLN A 289 10.33 5.92 -6.67
CA GLN A 289 10.01 7.09 -7.48
C GLN A 289 10.42 6.87 -8.93
N GLY A 290 11.19 5.81 -9.17
CA GLY A 290 11.61 5.43 -10.51
C GLY A 290 12.78 6.23 -11.04
N THR A 291 13.45 6.94 -10.14
CA THR A 291 14.49 7.90 -10.52
C THR A 291 15.92 7.37 -10.48
N GLY A 292 16.12 6.14 -10.01
CA GLY A 292 17.46 5.56 -9.96
C GLY A 292 17.79 4.88 -8.63
N GLN A 293 19.05 4.98 -8.22
CA GLN A 293 19.50 4.32 -6.99
C GLN A 293 19.84 5.29 -5.88
N ALA A 294 19.61 4.87 -4.63
CA ALA A 294 19.92 5.69 -3.47
C ALA A 294 20.69 4.84 -2.46
N MET A 295 21.76 5.40 -1.89
CA MET A 295 22.54 4.68 -0.90
C MET A 295 22.47 5.37 0.45
N TYR A 296 22.08 4.62 1.48
CA TYR A 296 21.94 5.16 2.83
C TYR A 296 22.99 4.61 3.78
N ALA A 297 23.06 5.18 4.98
CA ALA A 297 24.01 4.74 6.00
C ALA A 297 23.57 3.43 6.66
N PRO A 298 24.50 2.74 7.34
CA PRO A 298 24.20 1.49 8.03
C PRO A 298 23.10 1.66 9.08
N PRO A 299 22.47 0.55 9.49
CA PRO A 299 21.33 0.59 10.41
C PRO A 299 21.72 1.16 11.77
N ILE A 300 20.77 1.78 12.45
CA ILE A 300 20.96 2.24 13.82
C ILE A 300 21.20 1.05 14.75
N ASP A 301 21.68 1.33 15.96
CA ASP A 301 21.92 0.29 16.95
C ASP A 301 20.64 -0.11 17.68
N GLY A 302 20.68 -1.28 18.31
CA GLY A 302 19.57 -1.73 19.13
C GLY A 302 18.56 -2.59 18.41
N LYS A 303 17.42 -2.80 19.05
CA LYS A 303 16.37 -3.63 18.48
C LYS A 303 15.50 -2.80 17.54
N ILE A 304 15.56 -3.11 16.25
CA ILE A 304 14.70 -2.44 15.29
C ILE A 304 13.48 -3.33 15.06
N ASN A 305 12.31 -2.84 15.45
CA ASN A 305 11.10 -3.65 15.39
C ASN A 305 9.88 -2.91 14.83
N CYS A 306 9.19 -3.55 13.90
CA CYS A 306 7.93 -3.03 13.38
C CYS A 306 6.90 -4.14 13.34
N VAL A 307 5.81 -3.97 14.07
CA VAL A 307 4.69 -4.90 14.00
C VAL A 307 3.59 -4.24 13.17
N SER A 308 3.23 -4.86 12.04
CA SER A 308 2.25 -4.28 11.13
C SER A 308 1.11 -5.26 10.86
N ASN A 309 -0.03 -4.74 10.41
CA ASN A 309 -1.12 -5.58 9.93
C ASN A 309 -0.98 -5.77 8.43
N ILE A 310 -0.96 -7.02 7.97
CA ILE A 310 -1.14 -7.25 6.55
C ILE A 310 -2.62 -7.05 6.27
N THR A 311 -2.94 -6.15 5.35
CA THR A 311 -4.33 -5.83 5.07
C THR A 311 -4.64 -6.02 3.59
N GLY A 312 -3.61 -6.30 2.81
CA GLY A 312 -3.75 -6.52 1.38
C GLY A 312 -2.56 -7.26 0.79
N ILE A 313 -2.74 -7.81 -0.40
CA ILE A 313 -1.68 -8.49 -1.12
C ILE A 313 -1.68 -8.01 -2.57
N LEU A 314 -0.50 -7.78 -3.12
CA LEU A 314 -0.39 -7.41 -4.52
C LEU A 314 0.12 -8.62 -5.30
N LEU A 315 -0.65 -9.03 -6.32
CA LEU A 315 -0.31 -10.23 -7.09
C LEU A 315 -0.22 -9.96 -8.59
N THR A 316 0.56 -10.78 -9.28
CA THR A 316 0.53 -10.80 -10.74
C THR A 316 0.28 -12.22 -11.18
N ARG A 317 -0.56 -12.38 -12.19
CA ARG A 317 -0.93 -13.70 -12.68
C ARG A 317 -0.12 -14.07 -13.92
N ASP A 318 0.34 -15.32 -13.97
CA ASP A 318 1.10 -15.82 -15.10
C ASP A 318 0.25 -15.83 -16.37
N GLY A 319 0.84 -15.37 -17.47
CA GLY A 319 0.18 -15.43 -18.77
C GLY A 319 0.34 -16.80 -19.41
N GLY A 320 -0.54 -17.12 -20.35
CA GLY A 320 -0.42 -18.34 -21.13
C GLY A 320 -0.81 -19.63 -20.43
N ALA A 321 -1.64 -19.52 -19.40
CA ALA A 321 -2.11 -20.71 -18.68
C ALA A 321 -3.56 -21.04 -19.07
N ASN A 322 -4.04 -20.40 -20.14
CA ASN A 322 -5.41 -20.60 -20.60
C ASN A 322 -5.68 -22.04 -21.02
N ASN A 323 -4.65 -22.71 -21.54
CA ASN A 323 -4.74 -24.09 -21.97
C ASN A 323 -4.76 -25.09 -20.82
N THR A 324 -4.35 -24.63 -19.65
CA THR A 324 -4.22 -25.49 -18.48
C THR A 324 -5.42 -25.38 -17.55
N SER A 325 -5.41 -26.17 -16.49
CA SER A 325 -6.46 -26.12 -15.47
C SER A 325 -5.95 -25.35 -14.26
N ASN A 326 -4.83 -24.66 -14.44
CA ASN A 326 -4.22 -23.90 -13.35
C ASN A 326 -4.07 -22.42 -13.68
N GLU A 327 -4.13 -21.59 -12.64
CA GLU A 327 -3.73 -20.20 -12.73
C GLU A 327 -2.63 -19.98 -11.70
N THR A 328 -1.55 -19.34 -12.11
CA THR A 328 -0.41 -19.13 -11.23
C THR A 328 -0.29 -17.66 -10.83
N PHE A 329 -0.08 -17.43 -9.54
CA PHE A 329 0.02 -16.08 -9.00
C PHE A 329 1.34 -15.91 -8.27
N ARG A 330 1.93 -14.72 -8.40
CA ARG A 330 3.21 -14.41 -7.76
C ARG A 330 3.09 -13.05 -7.11
N PRO A 331 3.68 -12.88 -5.92
CA PRO A 331 3.59 -11.57 -5.28
C PRO A 331 4.29 -10.55 -6.15
N GLY A 332 3.79 -9.32 -6.14
CA GLY A 332 4.36 -8.27 -6.97
C GLY A 332 4.22 -6.91 -6.36
N GLY A 333 3.99 -5.91 -7.19
CA GLY A 333 3.91 -4.53 -6.75
C GLY A 333 5.07 -3.74 -7.30
N GLY A 334 5.35 -2.60 -6.70
CA GLY A 334 6.45 -1.75 -7.16
C GLY A 334 5.96 -0.44 -7.73
N ASN A 335 4.71 -0.43 -8.20
CA ASN A 335 4.05 0.82 -8.57
C ASN A 335 3.29 1.30 -7.35
N ILE A 336 3.89 2.21 -6.61
CA ILE A 336 3.34 2.62 -5.32
C ILE A 336 1.98 3.32 -5.47
N LYS A 337 1.64 3.74 -6.68
CA LYS A 337 0.32 4.29 -6.92
C LYS A 337 -0.77 3.27 -6.59
N ASP A 338 -0.46 2.00 -6.80
CA ASP A 338 -1.39 0.93 -6.47
C ASP A 338 -1.69 0.91 -4.98
N ASN A 339 -0.68 1.23 -4.17
CA ASN A 339 -0.85 1.29 -2.73
C ASN A 339 -1.91 2.32 -2.34
N TRP A 340 -1.83 3.49 -2.96
CA TRP A 340 -2.81 4.53 -2.71
C TRP A 340 -4.15 4.14 -3.25
N ARG A 341 -4.15 3.46 -4.39
CA ARG A 341 -5.38 3.00 -5.00
C ARG A 341 -6.16 2.11 -4.05
N SER A 342 -5.43 1.30 -3.30
CA SER A 342 -6.03 0.34 -2.38
C SER A 342 -6.81 1.05 -1.28
N GLU A 343 -6.48 2.32 -1.02
CA GLU A 343 -7.14 3.09 0.03
C GLU A 343 -8.15 4.09 -0.51
N LEU A 344 -7.92 4.57 -1.73
CA LEU A 344 -8.74 5.65 -2.29
C LEU A 344 -9.85 5.15 -3.22
N TYR A 345 -9.92 3.85 -3.42
CA TYR A 345 -10.84 3.25 -4.40
C TYR A 345 -12.30 3.65 -4.21
N LYS A 346 -12.69 3.99 -2.99
CA LYS A 346 -14.09 4.27 -2.70
C LYS A 346 -14.44 5.75 -2.81
N TYR A 347 -13.47 6.57 -3.22
CA TYR A 347 -13.68 8.02 -3.29
C TYR A 347 -13.61 8.57 -4.70
N LYS A 348 -14.39 9.62 -4.95
CA LYS A 348 -14.21 10.41 -6.15
C LYS A 348 -14.62 11.85 -5.89
N VAL A 349 -13.98 12.78 -6.59
CA VAL A 349 -14.30 14.18 -6.45
C VAL A 349 -15.36 14.61 -7.45
N VAL A 350 -16.33 15.40 -6.99
CA VAL A 350 -17.30 15.99 -7.90
C VAL A 350 -17.37 17.50 -7.66
N GLN A 351 -17.73 18.24 -8.71
CA GLN A 351 -17.94 19.67 -8.58
C GLN A 351 -19.43 19.96 -8.41
N ILE A 352 -19.77 20.72 -7.37
CA ILE A 352 -21.17 21.10 -7.14
C ILE A 352 -21.59 22.19 -8.11
N GLU A 353 -22.71 21.99 -8.79
CA GLU A 353 -23.18 22.98 -9.75
C GLU A 353 -24.18 23.94 -9.11
C1 NAG B . -16.31 -5.08 -10.99
C2 NAG B . -15.88 -6.25 -11.86
C3 NAG B . -16.19 -6.00 -13.34
C4 NAG B . -17.63 -5.56 -13.51
C5 NAG B . -17.94 -4.41 -12.56
C6 NAG B . -19.39 -3.93 -12.69
C7 NAG B . -13.98 -7.41 -10.86
C8 NAG B . -12.48 -7.48 -10.75
N2 NAG B . -14.45 -6.52 -11.72
O3 NAG B . -15.97 -7.20 -14.08
O4 NAG B . -17.87 -5.15 -14.87
O5 NAG B . -17.70 -4.84 -11.24
O6 NAG B . -20.25 -4.77 -11.92
O7 NAG B . -14.71 -8.14 -10.19
C1 NAG C . -25.20 2.82 3.71
C2 NAG C . -25.83 1.76 4.59
C3 NAG C . -25.87 2.25 6.03
C4 NAG C . -24.47 2.64 6.48
C5 NAG C . -23.83 3.61 5.49
C6 NAG C . -22.39 3.91 5.88
C7 NAG C . -27.50 0.18 3.74
C8 NAG C . -28.94 -0.01 3.35
N2 NAG C . -27.17 1.42 4.12
O3 NAG C . -26.38 1.23 6.90
O4 NAG C . -24.53 3.26 7.77
O5 NAG C . -23.87 3.07 4.18
O6 NAG C . -21.63 2.69 5.90
O7 NAG C . -26.68 -0.74 3.67
C1 NAG D . 2.18 -0.17 11.29
C2 NAG D . 3.66 0.23 11.15
C3 NAG D . 4.41 -0.09 12.45
C4 NAG D . 3.74 0.64 13.60
C5 NAG D . 2.29 0.16 13.66
C6 NAG D . 1.55 0.78 14.84
C7 NAG D . 4.93 0.21 9.06
C8 NAG D . 5.67 -0.62 8.06
N2 NAG D . 4.31 -0.45 10.03
O3 NAG D . 5.78 0.28 12.36
O4 NAG D . 4.42 0.38 14.83
O5 NAG D . 1.65 0.51 12.43
O6 NAG D . 1.42 2.19 14.65
O7 NAG D . 4.91 1.44 8.97
C1 NAG E . -8.92 -6.96 -20.77
C2 NAG E . -9.31 -6.14 -22.00
C3 NAG E . -9.56 -7.02 -23.21
C4 NAG E . -8.44 -8.03 -23.42
C5 NAG E . -8.14 -8.76 -22.11
C6 NAG E . -6.96 -9.69 -22.30
C7 NAG E . -10.49 -4.01 -21.83
C8 NAG E . -11.81 -3.33 -21.63
N2 NAG E . -10.50 -5.34 -21.76
O3 NAG E . -9.66 -6.20 -24.38
O4 NAG E . -8.82 -8.99 -24.41
O5 NAG E . -7.83 -7.80 -21.11
O6 NAG E . -5.82 -8.92 -22.70
O7 NAG E . -9.47 -3.37 -22.06
C1 NAG F . -13.69 -12.80 4.85
C2 NAG F . -14.77 -13.28 5.81
C3 NAG F . -15.19 -14.72 5.52
C4 NAG F . -15.54 -14.88 4.05
C5 NAG F . -14.44 -14.33 3.17
C6 NAG F . -14.86 -14.39 1.71
C7 NAG F . -14.85 -12.25 7.98
C8 NAG F . -14.13 -12.01 9.27
N2 NAG F . -14.32 -13.18 7.18
O3 NAG F . -16.35 -15.03 6.30
O4 NAG F . -15.71 -16.28 3.77
O5 NAG F . -14.15 -12.98 3.51
O6 NAG F . -13.83 -13.82 0.89
O7 NAG F . -15.85 -11.64 7.66
C1 NAG G . 7.88 -9.58 17.79
C2 NAG G . 7.14 -9.76 19.11
C3 NAG G . 8.11 -9.69 20.28
C4 NAG G . 9.22 -10.71 20.08
C5 NAG G . 9.89 -10.52 18.73
C6 NAG G . 10.92 -11.62 18.50
C7 NAG G . 4.81 -9.08 19.19
C8 NAG G . 3.85 -7.97 19.50
N2 NAG G . 6.10 -8.76 19.29
O3 NAG G . 7.42 -9.93 21.51
O4 NAG G . 10.20 -10.56 21.12
O5 NAG G . 8.91 -10.57 17.68
O6 NAG G . 11.93 -11.16 17.58
O7 NAG G . 4.44 -10.18 18.87
C1 NAG H . -1.61 -18.52 16.00
C2 NAG H . -0.74 -18.90 17.20
C3 NAG H . -1.42 -19.96 18.07
C4 NAG H . -2.89 -19.65 18.33
C5 NAG H . -3.60 -19.27 17.04
C6 NAG H . -5.04 -18.86 17.34
C7 NAG H . 1.56 -18.68 16.39
C8 NAG H . 2.69 -19.41 15.73
N2 NAG H . 0.52 -19.44 16.74
O3 NAG H . -0.72 -20.04 19.33
O4 NAG H . -3.51 -20.82 18.85
O5 NAG H . -2.92 -18.17 16.44
O6 NAG H . -5.76 -18.77 16.10
O7 NAG H . 1.59 -17.47 16.61
C1 NAG I . -16.40 -24.43 -7.71
C2 NAG I . -17.32 -25.64 -7.83
C3 NAG I . -18.07 -25.96 -6.54
C4 NAG I . -17.16 -25.84 -5.32
C5 NAG I . -16.40 -24.52 -5.35
C6 NAG I . -15.49 -24.39 -4.13
C7 NAG I . -18.20 -26.01 -10.08
C8 NAG I . -19.37 -25.82 -11.01
N2 NAG I . -18.29 -25.41 -8.89
O3 NAG I . -18.60 -27.26 -6.60
O4 NAG I . -17.95 -25.90 -4.15
O5 NAG I . -15.63 -24.46 -6.53
O6 NAG I . -15.59 -23.08 -3.62
O7 NAG I . -17.23 -26.69 -10.42
C1 NAG J . 13.89 -16.83 -0.94
C2 NAG J . 14.99 -16.63 -1.99
C3 NAG J . 15.19 -17.90 -2.82
C4 NAG J . 15.35 -19.12 -1.92
C5 NAG J . 14.18 -19.18 -0.94
C6 NAG J . 14.28 -20.40 -0.03
C7 NAG J . 15.56 -14.56 -3.09
C8 NAG J . 15.20 -13.57 -4.16
N2 NAG J . 14.68 -15.53 -2.87
O3 NAG J . 16.38 -17.74 -3.63
O4 NAG J . 15.39 -20.30 -2.72
O5 NAG J . 14.17 -17.98 -0.15
O6 NAG J . 15.55 -20.37 0.67
O7 NAG J . 16.60 -14.47 -2.46
C1 NAG K . 5.92 -25.38 2.60
C2 NAG K . 7.45 -25.29 2.61
C3 NAG K . 8.03 -26.63 3.03
C4 NAG K . 7.48 -27.01 4.40
C5 NAG K . 5.95 -26.96 4.37
C6 NAG K . 5.38 -27.22 5.78
C7 NAG K . 8.55 -23.68 1.18
C8 NAG K . 8.73 -22.88 2.44
N2 NAG K . 7.98 -24.87 1.33
O3 NAG K . 9.47 -26.53 3.11
O4 NAG K . 7.92 -28.32 4.75
O5 NAG K . 5.48 -25.69 3.91
O6 NAG K . 5.60 -28.58 6.15
O7 NAG K . 8.91 -23.26 0.09
C1 NAG L . -4.21 -3.48 12.92
C2 NAG L . -4.53 -2.03 13.25
C3 NAG L . -5.49 -1.98 14.42
C4 NAG L . -6.72 -2.84 14.14
C5 NAG L . -6.34 -4.23 13.63
C6 NAG L . -7.59 -4.98 13.18
C7 NAG L . -2.84 -0.34 12.69
C8 NAG L . -3.68 -0.02 11.50
N2 NAG L . -3.32 -1.27 13.52
O3 NAG L . -5.89 -0.63 14.67
O4 NAG L . -7.49 -2.98 15.34
O5 NAG L . -5.42 -4.14 12.55
O6 NAG L . -7.26 -6.35 12.89
O7 NAG L . -1.78 0.22 12.90
N1 EPE M . 0.11 20.71 -0.96
C2 EPE M . -0.02 19.67 0.10
C3 EPE M . -1.27 18.82 -0.13
N4 EPE M . -1.34 18.30 -1.53
C5 EPE M . -1.24 19.40 -2.52
C6 EPE M . 0.09 20.12 -2.32
C7 EPE M . -2.51 17.40 -1.72
C8 EPE M . -2.63 16.73 -3.08
O8 EPE M . -2.53 17.37 -4.11
C9 EPE M . 1.31 21.58 -0.78
C10 EPE M . 1.04 22.59 0.34
S EPE M . 2.45 23.65 0.48
O1S EPE M . 2.51 24.34 -0.97
O2S EPE M . 3.87 22.97 0.42
O3S EPE M . 2.37 24.89 1.47
C13 0LK N . 10.33 0.06 -5.79
C15 0LK N . 11.07 0.42 -3.52
C20 0LK N . 10.72 0.68 -0.67
C21 0LK N . 9.74 0.07 -1.44
C22 0LK N . 9.88 -0.07 -2.86
C01 0LK N . 6.59 -0.75 -11.36
C02 0LK N . 7.82 -0.97 -10.68
C03 0LK N . 8.60 0.09 -10.33
C04 0LK N . 8.17 1.37 -10.67
C05 0LK N . 6.96 1.59 -11.33
C06 0LK N . 6.17 0.52 -11.67
C07 0LK N . 9.90 0.11 -9.66
C08 0LK N . 10.37 1.66 -9.89
C09 0LK N . 9.14 2.39 -10.22
N10 0LK N . 11.37 1.74 -11.04
N11 0LK N . 9.82 -0.23 -8.15
C12 0LK N . 10.74 0.04 -7.24
N14 0LK N . 11.24 0.33 -4.88
O16 0LK N . 9.06 -0.22 -5.54
O17 0LK N . 11.93 0.27 -7.56
C18 0LK N . 12.02 1.03 -2.74
C19 0LK N . 11.84 1.17 -1.29
CL 0LK N . 10.48 0.83 1.05
F24 0LK N . 8.66 -0.39 -0.86
C25 0LK N . 12.46 1.14 -11.12
N26 0LK N . 12.94 0.30 -10.12
N27 0LK N . 13.27 1.31 -12.25
#